data_4HE4
#
_entry.id   4HE4
#
_cell.length_a   102.870
_cell.length_b   102.870
_cell.length_c   242.530
_cell.angle_alpha   90.00
_cell.angle_beta   90.00
_cell.angle_gamma   120.00
#
_symmetry.space_group_name_H-M   'H 3 2'
#
loop_
_entity.id
_entity.type
_entity.pdbx_description
1 polymer 'Yellow fluorescent protein'
2 water water
#
_entity_poly.entity_id   1
_entity_poly.type   'polypeptide(L)'
_entity_poly.pdbx_seq_one_letter_code
;GSSGALLFHGKIPYVVEMEGNVDGHTFSIRGKGYGDASVGKVDAQFICTTGDVPVPWSTLVTTL(CRO)AQCFAKYGPEL
KDFYKSCMPDGYVQERTITFEGDGNFKTRAEVTFENGSVYNRVKLNGQGFKKDGHVLGKNLEFNFTPHCLYIWGDQANHG
LKSAFKICHEITGSKGDFIVADHTQMNTPIGGGPVHVPEYHHMSYHVKLSKDVTDHRDNMSLKETVRAVDCRKTYDFDAG
SGDTSLIS
;
_entity_poly.pdbx_strand_id   A,B
#
# COMPACT_ATOMS: atom_id res chain seq x y z
N GLY A 1 24.13 0.38 15.15
CA GLY A 1 24.15 -0.34 13.84
C GLY A 1 25.40 0.08 13.07
N SER A 2 25.20 0.73 11.92
CA SER A 2 26.30 0.96 10.96
C SER A 2 27.10 2.19 11.31
N SER A 3 28.34 2.21 10.84
CA SER A 3 29.18 3.39 11.05
C SER A 3 28.68 4.63 10.29
N GLY A 4 28.00 4.42 9.17
CA GLY A 4 27.31 5.55 8.44
C GLY A 4 26.30 6.30 9.35
N ALA A 5 25.55 5.54 10.14
CA ALA A 5 24.57 6.12 11.13
C ALA A 5 25.16 7.12 12.15
N LEU A 6 26.47 7.06 12.41
CA LEU A 6 27.16 8.12 13.20
C LEU A 6 26.94 9.58 12.76
N LEU A 7 26.84 9.78 11.43
CA LEU A 7 26.67 11.10 10.79
C LEU A 7 25.30 11.75 11.05
N PHE A 8 24.33 10.99 11.57
CA PHE A 8 22.89 11.46 11.69
C PHE A 8 22.40 11.90 13.11
N HIS A 9 23.31 11.85 14.10
CA HIS A 9 23.07 12.39 15.45
C HIS A 9 22.82 13.94 15.39
N GLY A 10 21.75 14.37 16.05
CA GLY A 10 21.38 15.76 16.07
C GLY A 10 20.64 16.19 14.79
N LYS A 11 20.41 17.50 14.64
CA LYS A 11 19.81 18.02 13.42
C LYS A 11 20.90 18.36 12.37
N ILE A 12 20.62 18.00 11.11
CA ILE A 12 21.58 18.10 9.95
C ILE A 12 20.93 18.89 8.77
N PRO A 13 21.65 19.85 8.13
CA PRO A 13 20.99 20.55 7.00
C PRO A 13 20.65 19.61 5.83
N TYR A 14 19.68 19.97 5.01
CA TYR A 14 19.17 19.19 3.88
C TYR A 14 19.07 20.12 2.69
N VAL A 15 19.61 19.73 1.53
CA VAL A 15 19.69 20.59 0.35
C VAL A 15 19.17 19.87 -0.92
N VAL A 16 18.27 20.53 -1.67
CA VAL A 16 17.60 19.86 -2.79
C VAL A 16 17.81 20.63 -4.08
N GLU A 17 18.15 19.90 -5.15
CA GLU A 17 18.33 20.47 -6.56
C GLU A 17 17.55 19.57 -7.54
N MET A 18 16.46 20.12 -8.09
CA MET A 18 15.66 19.40 -9.06
C MET A 18 15.51 20.06 -10.45
N GLU A 19 15.64 19.26 -11.50
CA GLU A 19 15.36 19.70 -12.88
C GLU A 19 14.21 18.88 -13.45
N GLY A 20 13.20 19.54 -14.05
CA GLY A 20 12.04 18.84 -14.55
C GLY A 20 11.60 19.17 -16.00
N ASN A 21 10.86 18.24 -16.64
CA ASN A 21 10.22 18.45 -18.01
C ASN A 21 8.99 17.54 -18.10
N VAL A 22 7.80 18.16 -18.12
CA VAL A 22 6.51 17.46 -18.28
C VAL A 22 5.84 17.83 -19.61
N ASP A 23 5.90 16.93 -20.59
CA ASP A 23 5.33 17.19 -21.95
C ASP A 23 5.72 18.58 -22.52
N GLY A 24 7.00 18.93 -22.44
CA GLY A 24 7.53 20.20 -22.99
C GLY A 24 7.72 21.38 -22.00
N HIS A 25 7.00 21.41 -20.88
CA HIS A 25 7.15 22.53 -19.95
C HIS A 25 8.36 22.26 -19.03
N THR A 26 9.39 23.07 -19.10
CA THR A 26 10.53 22.85 -18.24
C THR A 26 10.50 23.70 -16.99
N PHE A 27 11.23 23.28 -15.98
CA PHE A 27 11.28 23.98 -14.70
C PHE A 27 12.38 23.50 -13.75
N SER A 28 12.92 24.42 -12.94
CA SER A 28 13.88 24.12 -11.89
C SER A 28 13.38 24.51 -10.50
N ILE A 29 13.65 23.68 -9.50
CA ILE A 29 13.29 23.92 -8.11
C ILE A 29 14.55 23.82 -7.18
N ARG A 30 14.63 24.64 -6.14
CA ARG A 30 15.67 24.53 -5.12
C ARG A 30 15.00 24.47 -3.70
N GLY A 31 15.56 23.62 -2.81
CA GLY A 31 15.01 23.43 -1.43
C GLY A 31 16.09 23.52 -0.35
N LYS A 32 15.69 23.94 0.88
CA LYS A 32 16.61 24.09 2.02
C LYS A 32 15.82 23.79 3.34
N GLY A 33 16.34 22.89 4.19
CA GLY A 33 15.75 22.64 5.54
C GLY A 33 16.72 21.85 6.41
N TYR A 34 16.13 20.99 7.26
CA TYR A 34 16.90 20.05 8.07
C TYR A 34 16.17 18.69 8.33
N GLY A 35 16.94 17.69 8.75
CA GLY A 35 16.40 16.40 9.13
C GLY A 35 16.95 15.98 10.51
N ASP A 36 16.11 15.30 11.31
CA ASP A 36 16.50 14.79 12.71
C ASP A 36 16.01 13.32 12.84
N ALA A 37 16.90 12.37 12.51
CA ALA A 37 16.55 10.95 12.42
C ALA A 37 16.21 10.32 13.81
N SER A 38 16.64 10.96 14.90
CA SER A 38 16.32 10.42 16.25
C SER A 38 14.81 10.34 16.48
N VAL A 39 14.06 11.28 15.89
CA VAL A 39 12.57 11.30 15.88
C VAL A 39 11.85 11.17 14.50
N GLY A 40 12.61 10.93 13.41
CA GLY A 40 12.02 10.79 12.09
C GLY A 40 11.41 12.07 11.55
N LYS A 41 11.92 13.24 11.90
CA LYS A 41 11.42 14.52 11.38
C LYS A 41 12.15 15.13 10.14
N VAL A 42 11.42 15.64 9.15
CA VAL A 42 12.03 16.50 8.09
C VAL A 42 11.20 17.82 7.97
N ASP A 43 11.85 18.99 7.98
CA ASP A 43 11.16 20.30 7.82
C ASP A 43 11.88 21.10 6.71
N ALA A 44 11.18 21.49 5.63
CA ALA A 44 11.89 22.14 4.46
C ALA A 44 11.10 23.13 3.60
N GLN A 45 11.81 24.10 3.00
CA GLN A 45 11.16 25.14 2.18
C GLN A 45 11.60 25.02 0.71
N PHE A 46 10.68 25.15 -0.24
CA PHE A 46 11.02 24.99 -1.70
C PHE A 46 10.54 26.19 -2.49
N ILE A 47 11.35 26.61 -3.45
CA ILE A 47 10.97 27.67 -4.39
C ILE A 47 11.23 27.23 -5.89
N CYS A 48 10.35 27.59 -6.80
CA CYS A 48 10.60 27.41 -8.25
C CYS A 48 11.32 28.63 -8.79
N THR A 49 12.58 28.49 -9.21
CA THR A 49 13.34 29.67 -9.64
C THR A 49 13.07 30.17 -11.09
N THR A 50 12.26 29.44 -11.88
CA THR A 50 12.14 29.70 -13.33
C THR A 50 10.81 30.31 -13.69
N GLY A 51 9.83 30.30 -12.79
CA GLY A 51 8.45 30.70 -13.12
C GLY A 51 7.48 29.89 -12.29
N ASP A 52 6.34 29.54 -12.87
CA ASP A 52 5.37 28.68 -12.21
C ASP A 52 5.68 27.18 -12.44
N VAL A 53 5.33 26.29 -11.50
CA VAL A 53 5.36 24.83 -11.75
C VAL A 53 4.15 24.40 -12.63
N PRO A 54 4.38 23.50 -13.63
CA PRO A 54 3.31 23.16 -14.59
C PRO A 54 2.33 22.06 -14.17
N VAL A 55 2.49 21.52 -12.95
CA VAL A 55 1.65 20.45 -12.35
C VAL A 55 1.29 20.79 -10.85
N PRO A 56 0.28 20.11 -10.22
CA PRO A 56 0.01 20.53 -8.80
C PRO A 56 1.19 20.17 -7.85
N TRP A 57 1.55 21.05 -6.89
CA TRP A 57 2.72 20.80 -6.01
C TRP A 57 2.57 19.44 -5.37
N SER A 58 1.36 19.01 -5.07
CA SER A 58 1.28 17.72 -4.37
C SER A 58 1.81 16.50 -5.20
N THR A 59 1.74 16.54 -6.54
CA THR A 59 2.28 15.44 -7.34
C THR A 59 3.83 15.32 -7.30
N LEU A 60 4.53 16.35 -6.85
CA LEU A 60 5.99 16.37 -6.77
C LEU A 60 6.58 16.02 -5.39
N VAL A 61 5.71 15.94 -4.39
CA VAL A 61 6.15 15.64 -3.01
C VAL A 61 7.04 14.40 -2.83
N THR A 62 6.61 13.22 -3.35
CA THR A 62 7.49 12.01 -3.20
C THR A 62 8.92 12.10 -3.77
N THR A 63 9.10 12.80 -4.90
CA THR A 63 10.41 13.01 -5.54
C THR A 63 11.32 14.08 -4.78
N LEU A 64 10.71 15.12 -4.20
CA LEU A 64 11.43 16.12 -3.43
C LEU A 64 11.87 15.62 -2.01
N ALA A 66 14.23 11.65 0.88
CA ALA A 66 15.37 11.38 1.82
C ALA A 66 15.00 10.40 2.92
N GLN A 67 14.91 9.14 2.56
CA GLN A 67 14.54 8.06 3.47
C GLN A 67 15.63 7.71 4.50
N CYS A 68 16.82 8.32 4.34
CA CYS A 68 17.87 8.26 5.35
C CYS A 68 17.54 9.02 6.66
N PHE A 69 16.49 9.85 6.66
CA PHE A 69 16.02 10.55 7.90
C PHE A 69 14.93 9.79 8.68
N ALA A 70 14.54 8.58 8.20
CA ALA A 70 13.51 7.69 8.83
C ALA A 70 13.98 7.27 10.22
N LYS A 71 13.07 7.21 11.21
CA LYS A 71 13.47 6.66 12.53
C LYS A 71 13.61 5.14 12.48
N TYR A 72 14.81 4.58 12.60
CA TYR A 72 15.00 3.12 12.54
C TYR A 72 15.47 2.64 13.92
N GLY A 73 14.73 1.73 14.57
CA GLY A 73 15.25 1.18 15.86
C GLY A 73 16.33 0.09 15.69
N PRO A 74 16.91 -0.38 16.82
CA PRO A 74 17.91 -1.48 16.89
C PRO A 74 17.48 -2.84 16.29
N GLU A 75 16.19 -3.09 16.15
CA GLU A 75 15.74 -4.40 15.67
C GLU A 75 15.71 -4.64 14.11
N LEU A 76 15.95 -3.60 13.31
CA LEU A 76 15.88 -3.70 11.80
C LEU A 76 17.18 -3.22 11.11
N LYS A 77 17.60 -3.84 10.01
CA LYS A 77 18.71 -3.19 9.21
C LYS A 77 18.30 -1.93 8.48
N ASP A 78 19.12 -0.88 8.63
CA ASP A 78 18.92 0.44 7.99
C ASP A 78 19.84 0.60 6.73
N PHE A 79 19.34 0.23 5.53
CA PHE A 79 20.13 0.31 4.23
C PHE A 79 20.65 1.72 3.95
N TYR A 80 19.74 2.68 4.01
CA TYR A 80 19.97 4.11 3.68
C TYR A 80 21.14 4.72 4.41
N LYS A 81 21.20 4.66 5.75
CA LYS A 81 22.36 5.22 6.49
C LYS A 81 23.62 4.32 6.37
N SER A 82 23.49 2.98 6.25
CA SER A 82 24.69 2.10 6.06
C SER A 82 25.50 2.49 4.75
N CYS A 83 24.82 3.04 3.75
CA CYS A 83 25.51 3.50 2.47
C CYS A 83 26.36 4.78 2.63
N MET A 84 26.12 5.53 3.73
CA MET A 84 26.69 6.91 3.92
C MET A 84 28.13 6.93 4.47
N PRO A 85 28.99 7.88 4.01
CA PRO A 85 28.77 9.07 3.20
C PRO A 85 28.73 8.92 1.64
N ASP A 86 29.27 7.84 1.07
CA ASP A 86 29.31 7.62 -0.42
C ASP A 86 27.90 7.66 -1.08
N GLY A 87 26.89 7.17 -0.40
CA GLY A 87 25.45 7.37 -0.82
C GLY A 87 24.86 6.30 -1.72
N TYR A 88 23.70 6.63 -2.34
CA TYR A 88 22.91 5.68 -3.18
C TYR A 88 22.23 6.40 -4.32
N VAL A 89 21.91 5.61 -5.39
CA VAL A 89 21.03 6.06 -6.51
C VAL A 89 19.62 5.61 -6.25
N GLN A 90 18.64 6.49 -6.42
CA GLN A 90 17.22 6.10 -6.21
C GLN A 90 16.46 6.29 -7.49
N GLU A 91 15.82 5.23 -8.04
CA GLU A 91 14.99 5.33 -9.30
C GLU A 91 13.55 4.93 -9.10
N ARG A 92 12.60 5.71 -9.70
CA ARG A 92 11.16 5.35 -9.72
C ARG A 92 10.46 5.44 -11.08
N THR A 93 9.40 4.65 -11.23
CA THR A 93 8.33 4.94 -12.22
C THR A 93 6.99 5.21 -11.47
N ILE A 94 6.36 6.34 -11.76
CA ILE A 94 5.10 6.75 -11.09
C ILE A 94 3.97 6.83 -12.13
N THR A 95 2.90 6.01 -12.00
CA THR A 95 1.83 6.00 -13.07
C THR A 95 0.46 6.50 -12.58
N PHE A 96 -0.06 7.54 -13.22
CA PHE A 96 -1.31 8.20 -12.74
C PHE A 96 -2.57 7.47 -13.36
N GLU A 97 -3.49 7.04 -12.49
CA GLU A 97 -4.82 6.51 -12.82
C GLU A 97 -5.49 7.35 -13.96
N GLY A 98 -5.66 6.76 -15.12
CA GLY A 98 -6.23 7.44 -16.25
C GLY A 98 -5.48 8.54 -16.97
N ASP A 99 -4.17 8.66 -16.72
CA ASP A 99 -3.35 9.75 -17.26
C ASP A 99 -1.91 9.31 -17.56
N GLY A 100 -0.97 10.25 -17.62
CA GLY A 100 0.43 9.95 -17.91
C GLY A 100 1.30 9.34 -16.81
N ASN A 101 2.62 9.31 -17.01
CA ASN A 101 3.61 8.78 -16.04
C ASN A 101 4.83 9.73 -15.85
N PHE A 102 5.48 9.71 -14.65
CA PHE A 102 6.80 10.35 -14.41
C PHE A 102 7.89 9.24 -14.35
N LYS A 103 9.07 9.50 -14.90
CA LYS A 103 10.27 8.68 -14.55
C LYS A 103 11.30 9.54 -13.82
N THR A 104 11.88 9.04 -12.71
CA THR A 104 12.84 9.83 -11.91
C THR A 104 14.15 9.08 -11.57
N ARG A 105 15.27 9.84 -11.43
CA ARG A 105 16.57 9.28 -11.07
C ARG A 105 17.29 10.29 -10.16
N ALA A 106 17.59 9.89 -8.90
CA ALA A 106 18.26 10.73 -7.91
C ALA A 106 19.62 10.17 -7.49
N GLU A 107 20.56 11.06 -7.15
CA GLU A 107 21.71 10.69 -6.35
C GLU A 107 21.59 11.34 -4.96
N VAL A 108 21.60 10.54 -3.92
CA VAL A 108 21.50 11.01 -2.54
C VAL A 108 22.80 10.73 -1.78
N THR A 109 23.50 11.78 -1.33
CA THR A 109 24.88 11.64 -0.74
C THR A 109 25.02 12.50 0.55
N PHE A 110 26.03 12.25 1.41
CA PHE A 110 26.40 13.18 2.47
C PHE A 110 27.67 13.96 2.06
N GLU A 111 27.59 15.28 2.00
CA GLU A 111 28.69 16.20 1.73
C GLU A 111 28.70 17.47 2.61
N ASN A 112 29.86 17.87 3.14
CA ASN A 112 30.01 19.16 3.72
C ASN A 112 28.96 19.32 4.84
N GLY A 113 28.92 18.36 5.75
CA GLY A 113 28.05 18.46 7.01
C GLY A 113 26.56 18.18 6.75
N SER A 114 26.17 17.89 5.48
CA SER A 114 24.75 17.91 5.06
C SER A 114 24.28 16.77 4.11
N VAL A 115 22.96 16.55 3.97
CA VAL A 115 22.43 15.57 2.94
C VAL A 115 22.04 16.40 1.66
N TYR A 116 22.47 15.96 0.48
CA TYR A 116 22.08 16.50 -0.84
C TYR A 116 21.20 15.49 -1.60
N ASN A 117 20.03 15.92 -2.08
CA ASN A 117 19.19 15.16 -3.00
C ASN A 117 19.23 15.86 -4.40
N ARG A 118 19.99 15.30 -5.34
CA ARG A 118 20.08 15.83 -6.73
C ARG A 118 19.30 14.89 -7.68
N VAL A 119 18.18 15.39 -8.21
CA VAL A 119 17.16 14.55 -8.85
C VAL A 119 16.63 15.17 -10.21
N LYS A 120 16.45 14.30 -11.21
CA LYS A 120 15.86 14.66 -12.52
C LYS A 120 14.53 13.92 -12.74
N LEU A 121 13.49 14.66 -13.22
CA LEU A 121 12.14 14.16 -13.52
C LEU A 121 11.69 14.40 -14.98
N ASN A 122 11.20 13.35 -15.66
CA ASN A 122 10.60 13.46 -17.02
C ASN A 122 9.18 12.87 -17.03
N GLY A 123 8.21 13.66 -17.53
CA GLY A 123 6.78 13.32 -17.56
C GLY A 123 6.30 13.19 -19.02
N GLN A 124 5.51 12.14 -19.32
CA GLN A 124 5.09 11.79 -20.71
C GLN A 124 3.61 11.28 -20.71
N GLY A 125 2.89 11.55 -21.80
CA GLY A 125 1.55 11.00 -22.04
C GLY A 125 0.32 11.52 -21.29
N PHE A 126 0.41 12.74 -20.74
CA PHE A 126 -0.68 13.33 -19.96
C PHE A 126 -1.76 13.96 -20.88
N LYS A 127 -3.04 13.82 -20.53
CA LYS A 127 -4.14 14.57 -21.16
C LYS A 127 -4.12 16.05 -20.82
N LYS A 128 -4.24 16.89 -21.85
CA LYS A 128 -4.29 18.35 -21.72
C LYS A 128 -5.45 18.90 -20.88
N ASP A 129 -6.46 18.07 -20.67
CA ASP A 129 -7.64 18.44 -19.90
C ASP A 129 -7.77 17.57 -18.64
N GLY A 130 -6.73 16.77 -18.33
CA GLY A 130 -6.81 15.88 -17.16
C GLY A 130 -6.61 16.59 -15.84
N HIS A 131 -6.72 15.87 -14.73
CA HIS A 131 -6.54 16.46 -13.43
C HIS A 131 -5.12 17.03 -13.19
N VAL A 132 -4.11 16.53 -13.90
CA VAL A 132 -2.72 16.92 -13.67
C VAL A 132 -2.30 18.18 -14.42
N LEU A 133 -2.21 18.12 -15.73
CA LEU A 133 -2.03 19.30 -16.56
C LEU A 133 -3.13 20.37 -16.43
N GLY A 134 -4.35 19.97 -16.11
CA GLY A 134 -5.45 20.93 -15.77
C GLY A 134 -5.41 21.45 -14.32
N LYS A 135 -4.37 21.11 -13.55
CA LYS A 135 -4.25 21.63 -12.18
C LYS A 135 -5.58 21.56 -11.40
N ASN A 136 -6.11 20.36 -11.25
CA ASN A 136 -7.37 20.17 -10.53
C ASN A 136 -7.26 19.26 -9.29
N LEU A 137 -6.08 19.29 -8.61
CA LEU A 137 -5.86 18.51 -7.38
C LEU A 137 -5.62 19.40 -6.12
N GLU A 138 -6.13 19.07 -4.94
CA GLU A 138 -5.98 19.96 -3.72
C GLU A 138 -4.54 20.13 -3.23
N PHE A 139 -4.22 21.31 -2.66
CA PHE A 139 -2.96 21.56 -1.90
C PHE A 139 -3.07 20.97 -0.49
N ASN A 140 -3.01 19.64 -0.40
CA ASN A 140 -2.98 18.95 0.91
C ASN A 140 -2.42 17.51 0.75
N PHE A 141 -2.44 16.70 1.81
CA PHE A 141 -1.79 15.34 1.72
C PHE A 141 -2.31 14.29 2.73
N THR A 142 -2.51 13.05 2.29
CA THR A 142 -2.92 11.97 3.17
C THR A 142 -1.77 11.16 3.76
N PRO A 143 -1.96 10.51 4.96
CA PRO A 143 -0.98 9.58 5.49
C PRO A 143 -0.77 8.32 4.64
N HIS A 144 0.49 7.88 4.42
CA HIS A 144 0.78 6.66 3.63
C HIS A 144 1.57 5.51 4.33
N CYS A 145 1.51 4.29 3.75
CA CYS A 145 2.32 3.15 4.22
C CYS A 145 3.05 2.47 3.04
N LEU A 146 4.35 2.33 3.16
CA LEU A 146 5.21 1.78 2.13
C LEU A 146 5.66 0.34 2.42
N TYR A 147 5.89 -0.46 1.40
CA TYR A 147 6.42 -1.80 1.56
C TYR A 147 7.90 -1.83 1.13
N ILE A 148 8.81 -2.41 1.92
CA ILE A 148 10.30 -2.39 1.57
C ILE A 148 10.90 -3.79 1.78
N TRP A 149 11.70 -4.28 0.80
CA TRP A 149 12.46 -5.49 0.94
C TRP A 149 13.86 -5.44 0.21
N GLY A 150 14.62 -6.53 0.32
CA GLY A 150 16.01 -6.61 -0.14
C GLY A 150 16.16 -7.26 -1.52
N ASP A 151 17.24 -6.87 -2.20
CA ASP A 151 17.65 -7.49 -3.48
C ASP A 151 19.11 -7.94 -3.19
N GLN A 152 19.27 -9.20 -2.84
CA GLN A 152 20.60 -9.69 -2.51
C GLN A 152 21.53 -9.70 -3.77
N ALA A 153 20.96 -9.95 -4.95
CA ALA A 153 21.77 -9.92 -6.20
C ALA A 153 22.55 -8.63 -6.48
N ASN A 154 22.00 -7.49 -6.13
CA ASN A 154 22.61 -6.21 -6.39
C ASN A 154 23.06 -5.50 -5.12
N HIS A 155 23.08 -6.22 -4.02
CA HIS A 155 23.23 -5.62 -2.71
C HIS A 155 22.45 -4.31 -2.56
N GLY A 156 21.19 -4.31 -2.97
CA GLY A 156 20.33 -3.14 -2.89
C GLY A 156 18.98 -3.30 -2.22
N LEU A 157 18.05 -2.40 -2.54
CA LEU A 157 16.67 -2.30 -1.97
C LEU A 157 15.62 -2.19 -3.08
N LYS A 158 14.44 -2.84 -2.88
CA LYS A 158 13.24 -2.69 -3.76
C LYS A 158 12.04 -2.18 -2.91
N SER A 159 11.09 -1.44 -3.51
CA SER A 159 9.88 -0.90 -2.78
C SER A 159 8.70 -0.77 -3.77
N ALA A 160 7.48 -0.98 -3.27
CA ALA A 160 6.24 -0.75 -4.02
C ALA A 160 5.14 -0.22 -3.08
N PHE A 161 4.37 0.76 -3.57
CA PHE A 161 3.32 1.48 -2.74
C PHE A 161 2.34 2.29 -3.56
N LYS A 162 1.30 2.80 -2.90
CA LYS A 162 0.33 3.69 -3.55
C LYS A 162 0.33 5.05 -2.81
N ILE A 163 0.01 6.13 -3.54
CA ILE A 163 -0.16 7.49 -3.00
C ILE A 163 -1.54 8.03 -3.47
N CYS A 164 -2.32 8.64 -2.56
CA CYS A 164 -3.66 9.22 -2.93
C CYS A 164 -3.64 10.74 -3.08
N HIS A 165 -4.33 11.32 -4.07
CA HIS A 165 -4.41 12.77 -4.26
C HIS A 165 -5.90 13.20 -4.35
N GLU A 166 -6.29 14.21 -3.56
CA GLU A 166 -7.70 14.63 -3.49
C GLU A 166 -8.10 15.57 -4.64
N ILE A 167 -9.28 15.34 -5.24
CA ILE A 167 -9.74 16.15 -6.41
C ILE A 167 -10.42 17.47 -6.00
N THR A 168 -9.93 18.58 -6.51
CA THR A 168 -10.50 19.92 -6.25
C THR A 168 -12.00 19.98 -6.62
N GLY A 169 -12.83 20.27 -5.63
CA GLY A 169 -14.28 20.38 -5.84
C GLY A 169 -15.02 19.06 -5.66
N SER A 170 -14.36 18.12 -4.98
CA SER A 170 -14.97 16.88 -4.48
C SER A 170 -14.74 16.89 -2.96
N LYS A 171 -15.29 15.94 -2.22
CA LYS A 171 -14.90 15.85 -0.83
C LYS A 171 -14.80 14.39 -0.46
N GLY A 172 -13.58 13.86 -0.49
CA GLY A 172 -13.37 12.47 -0.23
C GLY A 172 -13.35 11.59 -1.47
N ASP A 173 -13.21 12.19 -2.66
CA ASP A 173 -12.95 11.45 -3.90
CA ASP A 173 -12.94 11.45 -3.91
C ASP A 173 -11.44 11.54 -4.23
N PHE A 174 -10.76 10.40 -4.44
CA PHE A 174 -9.27 10.40 -4.71
C PHE A 174 -8.86 9.70 -6.04
N ILE A 175 -7.87 10.22 -6.79
CA ILE A 175 -7.12 9.37 -7.76
C ILE A 175 -5.87 8.75 -7.05
N VAL A 176 -5.31 7.72 -7.68
CA VAL A 176 -4.08 7.04 -7.20
C VAL A 176 -2.85 7.18 -8.14
N ALA A 177 -1.70 7.54 -7.56
CA ALA A 177 -0.37 7.48 -8.24
C ALA A 177 0.40 6.23 -7.80
N ASP A 178 0.54 5.30 -8.71
CA ASP A 178 1.16 4.02 -8.37
C ASP A 178 2.71 4.07 -8.47
N HIS A 179 3.43 3.68 -7.41
CA HIS A 179 4.90 3.87 -7.26
C HIS A 179 5.65 2.53 -7.29
N THR A 180 6.63 2.35 -8.20
CA THR A 180 7.62 1.26 -8.09
C THR A 180 9.01 1.89 -7.93
N GLN A 181 9.94 1.25 -7.20
CA GLN A 181 11.21 1.89 -6.80
C GLN A 181 12.37 0.87 -6.66
N MET A 182 13.57 1.30 -6.99
CA MET A 182 14.77 0.51 -6.67
C MET A 182 15.96 1.37 -6.30
N ASN A 183 16.80 0.91 -5.33
CA ASN A 183 17.99 1.68 -4.74
C ASN A 183 19.28 0.84 -4.81
N THR A 184 20.37 1.45 -5.29
CA THR A 184 21.67 0.83 -5.48
C THR A 184 22.82 1.65 -4.79
N PRO A 185 23.77 1.03 -4.07
CA PRO A 185 24.87 1.83 -3.54
C PRO A 185 25.79 2.48 -4.59
N ILE A 186 26.24 3.71 -4.32
CA ILE A 186 27.35 4.37 -5.08
C ILE A 186 28.78 3.79 -4.82
N GLY A 187 29.14 3.52 -3.57
CA GLY A 187 30.43 2.90 -3.27
C GLY A 187 30.43 1.34 -3.33
N GLY A 188 31.60 0.73 -3.17
CA GLY A 188 31.74 -0.74 -3.29
C GLY A 188 31.89 -1.41 -1.93
N GLY A 189 31.78 -0.63 -0.86
CA GLY A 189 32.05 -1.20 0.47
C GLY A 189 30.92 -2.03 1.08
N PRO A 190 31.18 -2.68 2.25
CA PRO A 190 30.11 -3.44 2.92
C PRO A 190 28.84 -2.61 3.25
N VAL A 191 27.62 -3.09 2.94
CA VAL A 191 26.35 -2.35 3.31
C VAL A 191 25.38 -3.33 4.07
N HIS A 192 24.29 -2.80 4.66
CA HIS A 192 23.25 -3.63 5.31
C HIS A 192 22.00 -3.86 4.36
N VAL A 193 21.85 -5.05 3.78
CA VAL A 193 20.69 -5.46 2.92
C VAL A 193 19.47 -5.78 3.81
N PRO A 194 18.34 -5.11 3.58
CA PRO A 194 17.20 -5.22 4.51
C PRO A 194 16.37 -6.52 4.30
N GLU A 195 15.53 -6.85 5.28
CA GLU A 195 14.44 -7.84 5.11
C GLU A 195 13.05 -7.14 5.04
N TYR A 196 11.99 -7.86 4.66
CA TYR A 196 10.63 -7.28 4.47
C TYR A 196 10.17 -6.50 5.69
N HIS A 197 9.74 -5.22 5.51
CA HIS A 197 9.18 -4.36 6.58
C HIS A 197 8.33 -3.21 6.03
N HIS A 198 7.68 -2.42 6.90
CA HIS A 198 6.85 -1.28 6.35
C HIS A 198 7.41 0.06 6.81
N MET A 199 6.91 1.19 6.29
CA MET A 199 7.38 2.52 6.73
C MET A 199 6.19 3.44 6.68
N SER A 200 5.84 4.08 7.82
CA SER A 200 4.74 5.06 7.90
C SER A 200 5.16 6.52 7.60
N TYR A 201 4.36 7.24 6.80
CA TYR A 201 4.54 8.68 6.50
C TYR A 201 3.28 9.55 6.86
N HIS A 202 3.52 10.76 7.42
CA HIS A 202 2.49 11.78 7.72
C HIS A 202 3.04 13.09 7.33
N VAL A 203 2.52 13.69 6.27
CA VAL A 203 2.96 14.96 5.72
C VAL A 203 1.91 16.08 5.90
N LYS A 204 2.36 17.32 6.15
CA LYS A 204 1.49 18.51 6.18
C LYS A 204 2.11 19.61 5.35
N LEU A 205 1.37 20.16 4.39
CA LEU A 205 1.86 21.28 3.51
C LEU A 205 1.35 22.67 3.89
N SER A 206 2.19 23.69 3.61
CA SER A 206 1.92 25.15 3.82
C SER A 206 2.55 26.03 2.72
N LYS A 207 2.15 27.31 2.69
CA LYS A 207 2.72 28.32 1.77
C LYS A 207 3.07 29.63 2.48
N ASP A 208 3.85 30.46 1.81
CA ASP A 208 4.16 31.82 2.26
C ASP A 208 3.75 32.91 1.22
N VAL A 209 2.61 33.61 1.41
CA VAL A 209 2.21 34.68 0.43
C VAL A 209 3.18 35.87 0.27
N THR A 210 3.98 36.19 1.29
CA THR A 210 5.01 37.28 1.19
C THR A 210 6.22 37.02 0.21
N ASP A 211 6.43 35.77 -0.21
CA ASP A 211 7.45 35.46 -1.21
C ASP A 211 6.76 35.44 -2.58
N HIS A 212 7.16 36.35 -3.46
CA HIS A 212 6.51 36.47 -4.80
C HIS A 212 6.74 35.24 -5.76
N ARG A 213 7.76 34.44 -5.49
CA ARG A 213 8.05 33.22 -6.27
C ARG A 213 7.06 32.08 -5.93
N ASP A 214 6.67 31.25 -6.88
CA ASP A 214 5.87 30.06 -6.56
C ASP A 214 6.58 29.19 -5.50
N ASN A 215 5.89 28.84 -4.43
CA ASN A 215 6.52 28.19 -3.23
C ASN A 215 5.71 27.10 -2.49
N MET A 216 6.42 26.29 -1.71
N MET A 216 6.41 26.25 -1.71
CA MET A 216 5.84 25.30 -0.85
CA MET A 216 5.81 25.17 -0.92
C MET A 216 6.78 24.96 0.30
C MET A 216 6.70 24.74 0.26
N SER A 217 6.19 24.83 1.49
CA SER A 217 6.86 24.30 2.71
C SER A 217 6.25 22.98 3.18
N LEU A 218 7.04 22.17 3.90
CA LEU A 218 6.49 20.98 4.54
C LEU A 218 7.09 20.54 5.88
N LYS A 219 6.30 19.74 6.58
CA LYS A 219 6.72 19.01 7.79
C LYS A 219 6.31 17.55 7.72
N GLU A 220 7.21 16.65 8.05
CA GLU A 220 6.84 15.25 8.00
C GLU A 220 7.39 14.41 9.15
N THR A 221 6.65 13.33 9.50
CA THR A 221 7.09 12.26 10.43
C THR A 221 7.13 10.90 9.72
N VAL A 222 8.25 10.19 9.85
CA VAL A 222 8.64 9.01 9.07
C VAL A 222 9.24 7.93 10.00
N ARG A 223 8.59 6.78 10.15
CA ARG A 223 9.13 5.68 10.96
C ARG A 223 9.13 4.32 10.30
N ALA A 224 10.24 3.56 10.45
CA ALA A 224 10.24 2.13 10.11
C ALA A 224 9.42 1.25 11.07
N VAL A 225 8.78 0.20 10.51
CA VAL A 225 7.76 -0.60 11.27
C VAL A 225 8.05 -2.06 11.08
N ASP A 226 8.39 -2.75 12.16
CA ASP A 226 8.64 -4.21 12.13
C ASP A 226 7.29 -5.04 12.10
N CYS A 227 6.60 -5.04 10.96
CA CYS A 227 5.21 -5.57 10.86
C CYS A 227 5.03 -7.06 11.10
N ARG A 228 6.06 -7.88 10.85
CA ARG A 228 5.96 -9.30 11.19
C ARG A 228 5.70 -9.50 12.72
N LYS A 229 5.89 -8.46 13.52
CA LYS A 229 5.71 -8.52 14.99
C LYS A 229 4.59 -7.65 15.50
N THR A 230 4.55 -6.41 15.03
CA THR A 230 3.60 -5.38 15.51
C THR A 230 2.12 -5.50 14.99
N TYR A 231 1.90 -6.17 13.84
CA TYR A 231 0.52 -6.47 13.36
C TYR A 231 -0.18 -7.76 14.03
N ASP A 232 0.57 -8.56 14.81
CA ASP A 232 0.05 -9.71 15.58
C ASP A 232 -1.02 -9.32 16.60
N GLY B 1 -22.60 4.46 17.00
CA GLY B 1 -22.78 2.98 16.88
C GLY B 1 -23.92 2.67 15.89
N SER B 2 -23.96 1.42 15.40
CA SER B 2 -25.01 0.92 14.43
C SER B 2 -25.70 -0.38 14.88
N SER B 3 -26.91 -0.62 14.39
CA SER B 3 -27.64 -1.86 14.77
C SER B 3 -26.94 -3.20 14.37
N GLY B 4 -26.30 -3.24 13.18
CA GLY B 4 -25.57 -4.46 12.80
C GLY B 4 -24.54 -4.98 13.80
N ALA B 5 -23.81 -4.06 14.43
CA ALA B 5 -22.66 -4.40 15.26
C ALA B 5 -22.95 -5.31 16.48
N LEU B 6 -24.16 -5.18 17.04
CA LEU B 6 -24.59 -6.02 18.16
C LEU B 6 -24.69 -7.50 17.75
N LEU B 7 -24.91 -7.75 16.47
CA LEU B 7 -24.86 -9.14 15.99
C LEU B 7 -23.47 -9.79 16.17
N PHE B 8 -22.44 -9.02 16.58
CA PHE B 8 -21.08 -9.55 16.55
C PHE B 8 -20.37 -9.85 17.86
N HIS B 9 -21.08 -9.94 18.98
CA HIS B 9 -20.36 -10.19 20.22
C HIS B 9 -20.01 -11.67 20.34
N GLY B 10 -18.78 -11.95 20.80
CA GLY B 10 -18.28 -13.33 20.90
C GLY B 10 -18.01 -14.05 19.57
N LYS B 11 -17.56 -15.30 19.66
CA LYS B 11 -17.33 -16.16 18.48
C LYS B 11 -18.58 -16.46 17.64
N ILE B 12 -18.56 -16.06 16.34
CA ILE B 12 -19.67 -16.20 15.39
C ILE B 12 -19.23 -17.11 14.22
N PRO B 13 -20.05 -18.12 13.88
CA PRO B 13 -19.58 -19.11 12.87
C PRO B 13 -19.52 -18.56 11.43
N TYR B 14 -18.63 -19.13 10.61
CA TYR B 14 -18.33 -18.63 9.24
C TYR B 14 -18.40 -19.78 8.23
N VAL B 15 -19.08 -19.58 7.11
CA VAL B 15 -19.16 -20.58 6.01
C VAL B 15 -18.68 -19.93 4.68
N VAL B 16 -17.87 -20.63 3.87
CA VAL B 16 -17.46 -20.07 2.55
C VAL B 16 -17.86 -20.95 1.38
N GLU B 17 -18.48 -20.35 0.38
CA GLU B 17 -18.87 -21.04 -0.89
C GLU B 17 -18.23 -20.41 -2.14
N MET B 18 -17.23 -21.11 -2.71
CA MET B 18 -16.44 -20.54 -3.82
C MET B 18 -16.35 -21.43 -5.08
N GLU B 19 -16.52 -20.80 -6.22
CA GLU B 19 -16.40 -21.47 -7.51
C GLU B 19 -15.43 -20.69 -8.38
N GLY B 20 -14.61 -21.41 -9.15
CA GLY B 20 -13.63 -20.79 -10.06
C GLY B 20 -13.50 -21.33 -11.48
N ASN B 21 -13.05 -20.45 -12.39
CA ASN B 21 -12.64 -20.79 -13.76
C ASN B 21 -11.45 -19.93 -14.18
N VAL B 22 -10.29 -20.57 -14.27
CA VAL B 22 -9.06 -19.98 -14.79
C VAL B 22 -8.61 -20.65 -16.08
N ASP B 23 -8.81 -19.95 -17.18
CA ASP B 23 -8.43 -20.42 -18.51
C ASP B 23 -8.59 -21.90 -18.75
N GLY B 24 -9.83 -22.37 -18.85
CA GLY B 24 -10.05 -23.78 -19.10
C GLY B 24 -10.35 -24.68 -17.92
N HIS B 25 -9.77 -24.39 -16.77
CA HIS B 25 -9.93 -25.21 -15.53
C HIS B 25 -11.07 -24.71 -14.62
N THR B 26 -12.17 -25.47 -14.49
CA THR B 26 -13.18 -25.13 -13.44
C THR B 26 -12.84 -25.85 -12.12
N PHE B 27 -13.16 -25.24 -10.97
CA PHE B 27 -12.93 -25.87 -9.65
C PHE B 27 -13.82 -25.27 -8.55
N SER B 28 -13.93 -25.98 -7.43
CA SER B 28 -14.76 -25.54 -6.28
C SER B 28 -14.03 -25.77 -4.96
N ILE B 29 -14.34 -24.90 -4.00
CA ILE B 29 -13.72 -24.96 -2.69
C ILE B 29 -14.81 -24.67 -1.66
N ARG B 30 -14.79 -25.34 -0.53
CA ARG B 30 -15.77 -25.11 0.55
C ARG B 30 -14.98 -24.90 1.85
N GLY B 31 -15.36 -23.92 2.65
CA GLY B 31 -14.69 -23.65 3.90
C GLY B 31 -15.63 -23.40 5.07
N LYS B 32 -15.09 -23.55 6.27
CA LYS B 32 -15.85 -23.40 7.51
C LYS B 32 -14.93 -22.95 8.64
N GLY B 33 -15.40 -22.03 9.50
CA GLY B 33 -14.67 -21.69 10.74
C GLY B 33 -15.44 -20.76 11.67
N TYR B 34 -14.78 -19.72 12.17
CA TYR B 34 -15.47 -18.63 12.90
C TYR B 34 -14.64 -17.33 12.94
N GLY B 35 -15.27 -16.23 13.33
CA GLY B 35 -14.57 -14.98 13.57
C GLY B 35 -14.97 -14.35 14.90
N ASP B 36 -14.01 -13.73 15.57
CA ASP B 36 -14.28 -13.00 16.82
C ASP B 36 -13.84 -11.56 16.66
N ALA B 37 -14.80 -10.71 16.33
CA ALA B 37 -14.55 -9.27 16.06
C ALA B 37 -14.12 -8.38 17.21
N SER B 38 -14.20 -8.85 18.46
CA SER B 38 -13.79 -8.05 19.63
C SER B 38 -12.25 -7.96 19.73
N VAL B 39 -11.54 -9.03 19.32
CA VAL B 39 -10.06 -9.08 19.11
C VAL B 39 -9.58 -9.16 17.61
N GLY B 40 -10.53 -9.05 16.68
CA GLY B 40 -10.25 -9.07 15.22
C GLY B 40 -9.71 -10.35 14.63
N LYS B 41 -10.01 -11.50 15.22
CA LYS B 41 -9.39 -12.73 14.71
C LYS B 41 -10.32 -13.71 13.94
N VAL B 42 -9.72 -14.44 13.00
CA VAL B 42 -10.48 -15.37 12.15
C VAL B 42 -9.65 -16.63 11.96
N ASP B 43 -10.28 -17.81 12.18
CA ASP B 43 -9.73 -19.17 11.93
C ASP B 43 -10.61 -19.91 10.93
N ALA B 44 -10.01 -20.62 9.97
CA ALA B 44 -10.81 -21.39 9.00
C ALA B 44 -10.02 -22.46 8.24
N GLN B 45 -10.73 -23.51 7.84
CA GLN B 45 -10.17 -24.66 7.15
C GLN B 45 -10.83 -24.77 5.76
N PHE B 46 -10.03 -25.11 4.73
CA PHE B 46 -10.51 -25.13 3.34
C PHE B 46 -10.17 -26.48 2.62
N ILE B 47 -11.14 -27.01 1.85
CA ILE B 47 -11.00 -28.21 0.99
C ILE B 47 -11.36 -27.91 -0.50
N CYS B 48 -10.54 -28.39 -1.44
CA CYS B 48 -10.91 -28.37 -2.85
C CYS B 48 -11.65 -29.65 -3.25
N THR B 49 -12.97 -29.55 -3.45
CA THR B 49 -13.79 -30.77 -3.72
C THR B 49 -13.62 -31.39 -5.14
N THR B 50 -13.25 -30.57 -6.11
CA THR B 50 -13.12 -31.08 -7.50
C THR B 50 -11.77 -31.75 -7.78
N GLY B 51 -10.76 -31.53 -6.93
CA GLY B 51 -9.41 -32.11 -7.14
C GLY B 51 -8.25 -31.27 -6.57
N ASP B 52 -7.21 -31.06 -7.37
CA ASP B 52 -6.11 -30.12 -7.00
C ASP B 52 -6.42 -28.73 -7.60
N VAL B 53 -6.27 -27.65 -6.81
CA VAL B 53 -6.36 -26.25 -7.33
C VAL B 53 -5.35 -26.07 -8.49
N PRO B 54 -5.73 -25.36 -9.55
CA PRO B 54 -4.79 -25.17 -10.66
C PRO B 54 -3.91 -23.89 -10.59
N VAL B 55 -4.03 -23.11 -9.50
CA VAL B 55 -3.14 -21.96 -9.17
C VAL B 55 -2.71 -22.14 -7.70
N PRO B 56 -1.58 -21.53 -7.28
CA PRO B 56 -1.12 -21.81 -5.89
C PRO B 56 -2.07 -21.23 -4.84
N TRP B 57 -2.15 -21.88 -3.67
CA TRP B 57 -3.14 -21.48 -2.64
C TRP B 57 -3.02 -20.02 -2.23
N SER B 58 -1.78 -19.51 -2.25
CA SER B 58 -1.52 -18.12 -1.78
C SER B 58 -2.29 -17.03 -2.52
N THR B 59 -2.41 -17.18 -3.85
CA THR B 59 -3.11 -16.29 -4.74
C THR B 59 -4.62 -16.19 -4.54
N LEU B 60 -5.19 -17.17 -3.81
CA LEU B 60 -6.67 -17.25 -3.50
C LEU B 60 -7.07 -16.67 -2.13
N VAL B 61 -6.09 -16.35 -1.28
CA VAL B 61 -6.41 -16.00 0.12
C VAL B 61 -7.32 -14.76 0.27
N THR B 62 -7.05 -13.69 -0.48
CA THR B 62 -7.85 -12.45 -0.33
C THR B 62 -9.33 -12.59 -0.79
N THR B 63 -9.57 -13.48 -1.77
CA THR B 63 -10.91 -13.84 -2.21
C THR B 63 -11.66 -14.70 -1.18
N LEU B 64 -10.95 -15.64 -0.55
CA LEU B 64 -11.55 -16.50 0.52
C LEU B 64 -11.83 -15.82 1.88
N ALA B 66 -13.78 -11.56 4.55
CA ALA B 66 -14.92 -11.03 5.43
C ALA B 66 -14.44 -9.96 6.34
N GLN B 67 -14.54 -8.72 5.86
CA GLN B 67 -13.92 -7.58 6.56
C GLN B 67 -14.84 -7.06 7.70
N CYS B 68 -15.97 -7.72 7.86
CA CYS B 68 -16.86 -7.53 9.04
C CYS B 68 -16.24 -8.11 10.32
N PHE B 69 -15.31 -9.04 10.24
CA PHE B 69 -14.65 -9.48 11.48
C PHE B 69 -13.47 -8.59 12.00
N ALA B 70 -13.28 -7.42 11.39
CA ALA B 70 -12.18 -6.52 11.79
C ALA B 70 -12.47 -5.84 13.10
N LYS B 71 -11.43 -5.63 13.93
CA LYS B 71 -11.58 -4.79 15.13
C LYS B 71 -11.65 -3.32 14.78
N TYR B 72 -12.86 -2.73 14.91
CA TYR B 72 -13.05 -1.28 14.90
C TYR B 72 -13.31 -0.74 16.32
N GLY B 73 -12.52 0.25 16.73
CA GLY B 73 -12.75 0.98 18.00
C GLY B 73 -13.76 2.11 17.78
N PRO B 74 -14.23 2.73 18.89
CA PRO B 74 -15.28 3.78 18.84
C PRO B 74 -15.04 4.97 17.92
N GLU B 75 -13.79 5.30 17.66
CA GLU B 75 -13.41 6.48 16.89
C GLU B 75 -13.58 6.48 15.31
N LEU B 76 -13.98 5.35 14.71
CA LEU B 76 -14.15 5.23 13.22
C LEU B 76 -15.51 4.61 12.82
N LYS B 77 -16.09 5.06 11.72
CA LYS B 77 -17.30 4.41 11.15
C LYS B 77 -17.02 3.03 10.52
N ASP B 78 -17.73 1.99 10.98
CA ASP B 78 -17.57 0.61 10.55
C ASP B 78 -18.61 0.18 9.53
N PHE B 79 -18.38 0.51 8.28
CA PHE B 79 -19.29 0.22 7.16
C PHE B 79 -19.75 -1.22 7.04
N TYR B 80 -18.82 -2.15 7.19
CA TYR B 80 -19.12 -3.55 6.89
C TYR B 80 -20.27 -4.05 7.83
N LYS B 81 -20.12 -3.78 9.12
CA LYS B 81 -21.08 -4.17 10.18
C LYS B 81 -22.42 -3.42 10.08
N SER B 82 -22.35 -2.16 9.67
CA SER B 82 -23.51 -1.32 9.55
C SER B 82 -24.54 -1.88 8.51
N CYS B 83 -24.04 -2.71 7.56
CA CYS B 83 -24.86 -3.30 6.48
C CYS B 83 -25.70 -4.51 6.92
N MET B 84 -25.35 -5.07 8.07
CA MET B 84 -25.93 -6.33 8.44
C MET B 84 -27.27 -6.10 9.16
N PRO B 85 -28.16 -7.10 9.17
CA PRO B 85 -27.86 -8.48 8.73
C PRO B 85 -28.06 -8.73 7.23
N ASP B 86 -28.56 -7.74 6.48
CA ASP B 86 -28.86 -7.93 5.06
C ASP B 86 -27.61 -8.26 4.20
N GLY B 87 -26.53 -7.48 4.38
CA GLY B 87 -25.22 -7.76 3.73
C GLY B 87 -24.77 -6.68 2.76
N TYR B 88 -23.73 -7.01 1.96
CA TYR B 88 -23.14 -6.15 0.89
C TYR B 88 -22.61 -6.98 -0.31
N VAL B 89 -22.53 -6.36 -1.48
CA VAL B 89 -21.78 -6.95 -2.59
C VAL B 89 -20.30 -6.41 -2.53
N GLN B 90 -19.30 -7.29 -2.76
CA GLN B 90 -17.87 -6.90 -2.80
C GLN B 90 -17.27 -7.34 -4.15
N GLU B 91 -16.90 -6.40 -5.03
CA GLU B 91 -16.26 -6.71 -6.32
C GLU B 91 -14.79 -6.23 -6.37
N ARG B 92 -13.89 -7.06 -6.95
CA ARG B 92 -12.45 -6.73 -7.15
C ARG B 92 -11.93 -6.99 -8.60
N THR B 93 -10.91 -6.23 -9.02
CA THR B 93 -9.96 -6.68 -10.09
C THR B 93 -8.53 -6.83 -9.52
N ILE B 94 -7.86 -7.97 -9.77
CA ILE B 94 -6.56 -8.31 -9.21
C ILE B 94 -5.58 -8.62 -10.40
N THR B 95 -4.58 -7.75 -10.62
CA THR B 95 -3.71 -7.84 -11.80
C THR B 95 -2.29 -8.22 -11.34
N PHE B 96 -1.80 -9.34 -11.86
CA PHE B 96 -0.50 -9.86 -11.51
C PHE B 96 0.61 -9.31 -12.40
N GLU B 97 1.62 -8.79 -11.76
CA GLU B 97 2.85 -8.35 -12.39
C GLU B 97 3.30 -9.23 -13.58
N GLY B 98 3.24 -8.70 -14.77
CA GLY B 98 3.73 -9.37 -15.96
C GLY B 98 3.01 -10.63 -16.38
N ASP B 99 1.76 -10.77 -15.99
CA ASP B 99 0.95 -11.96 -16.19
C ASP B 99 -0.52 -11.55 -16.29
N GLY B 100 -1.44 -12.45 -15.98
CA GLY B 100 -2.86 -12.22 -16.13
C GLY B 100 -3.62 -11.64 -14.95
N ASN B 101 -4.94 -11.81 -14.92
CA ASN B 101 -5.82 -11.15 -13.90
C ASN B 101 -7.02 -11.97 -13.40
N PHE B 102 -7.46 -11.70 -12.16
CA PHE B 102 -8.73 -12.20 -11.60
C PHE B 102 -9.82 -11.10 -11.53
N LYS B 103 -11.06 -11.42 -11.94
CA LYS B 103 -12.23 -10.60 -11.61
C LYS B 103 -13.14 -11.41 -10.66
N THR B 104 -13.49 -10.82 -9.51
CA THR B 104 -14.27 -11.54 -8.47
C THR B 104 -15.56 -10.79 -8.08
N ARG B 105 -16.64 -11.53 -7.83
CA ARG B 105 -17.93 -10.95 -7.39
C ARG B 105 -18.46 -11.81 -6.23
N ALA B 106 -18.63 -11.20 -5.06
CA ALA B 106 -18.99 -11.94 -3.77
C ALA B 106 -20.22 -11.33 -3.12
N GLU B 107 -21.00 -12.14 -2.39
CA GLU B 107 -22.14 -11.65 -1.55
C GLU B 107 -21.92 -12.13 -0.13
N VAL B 108 -21.99 -11.21 0.82
CA VAL B 108 -21.59 -11.47 2.22
C VAL B 108 -22.79 -11.19 3.14
N THR B 109 -23.34 -12.22 3.81
CA THR B 109 -24.68 -12.07 4.51
C THR B 109 -24.66 -12.60 5.94
N PHE B 110 -25.60 -12.13 6.79
CA PHE B 110 -25.83 -12.75 8.13
C PHE B 110 -27.17 -13.58 8.15
N GLU B 111 -27.08 -14.87 8.43
CA GLU B 111 -28.18 -15.83 8.21
C GLU B 111 -28.13 -16.95 9.26
N ASN B 112 -29.11 -16.99 10.16
CA ASN B 112 -29.13 -18.00 11.24
C ASN B 112 -27.96 -17.96 12.22
N GLY B 113 -27.53 -16.76 12.61
CA GLY B 113 -26.33 -16.61 13.46
C GLY B 113 -24.97 -17.07 12.86
N SER B 114 -24.92 -17.26 11.51
CA SER B 114 -23.69 -17.57 10.74
C SER B 114 -23.43 -16.53 9.60
N VAL B 115 -22.17 -16.12 9.39
CA VAL B 115 -21.80 -15.24 8.26
C VAL B 115 -21.48 -16.12 7.06
N TYR B 116 -22.07 -15.76 5.92
CA TYR B 116 -21.88 -16.45 4.63
C TYR B 116 -21.08 -15.60 3.61
N ASN B 117 -19.97 -16.14 3.11
CA ASN B 117 -19.26 -15.53 1.94
C ASN B 117 -19.47 -16.45 0.73
N ARG B 118 -20.31 -16.02 -0.21
CA ARG B 118 -20.58 -16.76 -1.49
C ARG B 118 -19.96 -16.01 -2.66
N VAL B 119 -18.98 -16.60 -3.35
CA VAL B 119 -18.14 -15.80 -4.30
C VAL B 119 -17.73 -16.55 -5.60
N LYS B 120 -17.74 -15.80 -6.70
CA LYS B 120 -17.34 -16.29 -8.04
C LYS B 120 -16.03 -15.59 -8.52
N LEU B 121 -15.11 -16.36 -9.13
CA LEU B 121 -13.82 -15.86 -9.65
C LEU B 121 -13.59 -16.37 -11.11
N ASN B 122 -13.26 -15.47 -12.02
CA ASN B 122 -12.88 -15.75 -13.45
C ASN B 122 -11.47 -15.20 -13.76
N GLY B 123 -10.56 -16.07 -14.26
CA GLY B 123 -9.16 -15.69 -14.59
C GLY B 123 -8.82 -15.79 -16.08
N GLN B 124 -8.08 -14.80 -16.59
CA GLN B 124 -7.84 -14.62 -18.04
C GLN B 124 -6.43 -14.05 -18.29
N GLY B 125 -5.87 -14.38 -19.46
CA GLY B 125 -4.58 -13.83 -19.92
C GLY B 125 -3.27 -14.27 -19.27
N PHE B 126 -3.26 -15.46 -18.61
CA PHE B 126 -2.04 -16.01 -17.93
C PHE B 126 -1.08 -16.74 -18.93
N LYS B 127 0.20 -16.85 -18.55
CA LYS B 127 1.22 -17.58 -19.30
C LYS B 127 1.42 -19.00 -18.73
N LYS B 128 1.53 -20.03 -19.58
CA LYS B 128 1.66 -21.43 -19.09
C LYS B 128 2.91 -21.68 -18.28
N ASP B 129 3.93 -20.89 -18.57
CA ASP B 129 5.25 -21.02 -17.96
C ASP B 129 5.49 -19.91 -16.89
N GLY B 130 4.44 -19.15 -16.56
CA GLY B 130 4.53 -18.10 -15.52
C GLY B 130 4.49 -18.72 -14.14
N HIS B 131 4.68 -17.88 -13.12
CA HIS B 131 4.72 -18.32 -11.73
C HIS B 131 3.35 -18.75 -11.27
N VAL B 132 2.30 -18.22 -11.87
CA VAL B 132 0.94 -18.59 -11.45
C VAL B 132 0.54 -20.01 -11.96
N LEU B 133 0.37 -20.16 -13.28
CA LEU B 133 0.02 -21.45 -13.90
C LEU B 133 1.09 -22.55 -13.74
N GLY B 134 2.36 -22.14 -13.71
CA GLY B 134 3.45 -23.09 -13.41
C GLY B 134 3.51 -23.49 -11.95
N LYS B 135 2.72 -22.84 -11.13
CA LYS B 135 2.83 -23.02 -9.71
C LYS B 135 4.26 -22.92 -9.23
N ASN B 136 4.76 -21.73 -9.04
CA ASN B 136 6.14 -21.51 -8.56
C ASN B 136 6.20 -20.42 -7.46
N LEU B 137 5.23 -20.44 -6.54
CA LEU B 137 5.15 -19.48 -5.41
C LEU B 137 5.05 -20.20 -4.07
N GLU B 138 5.73 -19.70 -3.04
CA GLU B 138 5.73 -20.33 -1.69
C GLU B 138 4.36 -20.42 -1.00
N PHE B 139 4.19 -21.48 -0.22
CA PHE B 139 3.08 -21.66 0.70
C PHE B 139 3.43 -20.91 1.99
N ASN B 140 3.32 -19.57 1.95
CA ASN B 140 3.46 -18.69 3.10
C ASN B 140 2.87 -17.30 2.77
N PHE B 141 2.90 -16.33 3.71
CA PHE B 141 2.22 -15.04 3.47
C PHE B 141 2.91 -13.90 4.24
N THR B 142 2.92 -12.66 3.76
CA THR B 142 3.46 -11.50 4.54
C THR B 142 2.36 -10.62 5.12
N PRO B 143 2.69 -9.78 6.15
CA PRO B 143 1.79 -8.69 6.60
C PRO B 143 1.52 -7.65 5.49
N HIS B 144 0.29 -7.10 5.45
CA HIS B 144 -0.16 -6.07 4.47
C HIS B 144 -0.89 -4.90 5.15
N CYS B 145 -1.12 -3.82 4.41
CA CYS B 145 -1.79 -2.62 4.92
C CYS B 145 -2.71 -2.05 3.83
N LEU B 146 -4.03 -1.94 4.11
CA LEU B 146 -4.98 -1.55 3.06
C LEU B 146 -5.36 -0.07 3.17
N TYR B 147 -5.60 0.60 2.04
CA TYR B 147 -6.18 1.95 2.12
C TYR B 147 -7.75 1.88 1.94
N ILE B 148 -8.58 2.51 2.80
CA ILE B 148 -10.12 2.45 2.66
C ILE B 148 -10.75 3.87 2.67
N TRP B 149 -11.57 4.22 1.67
CA TRP B 149 -12.36 5.46 1.73
C TRP B 149 -13.87 5.41 1.32
N GLY B 150 -14.52 6.58 1.25
CA GLY B 150 -15.99 6.70 1.07
C GLY B 150 -16.40 7.10 -0.33
N ASP B 151 -17.54 6.58 -0.79
CA ASP B 151 -18.16 7.01 -2.03
C ASP B 151 -19.59 7.41 -1.67
N GLN B 152 -19.77 8.68 -1.35
CA GLN B 152 -21.02 9.20 -0.77
C GLN B 152 -22.16 9.05 -1.75
N ALA B 153 -21.87 9.41 -3.01
CA ALA B 153 -22.79 9.37 -4.14
C ALA B 153 -23.60 8.09 -4.16
N ASN B 154 -22.96 6.95 -3.88
CA ASN B 154 -23.64 5.64 -3.94
C ASN B 154 -23.82 4.90 -2.62
N HIS B 155 -23.77 5.65 -1.51
CA HIS B 155 -23.75 5.11 -0.17
C HIS B 155 -22.82 3.91 -0.09
N GLY B 156 -21.59 4.02 -0.62
CA GLY B 156 -20.70 2.85 -0.73
C GLY B 156 -19.25 3.03 -0.24
N LEU B 157 -18.43 1.99 -0.45
CA LEU B 157 -17.03 1.96 0.00
C LEU B 157 -16.09 1.59 -1.16
N LYS B 158 -14.93 2.25 -1.19
CA LYS B 158 -13.81 1.98 -2.15
C LYS B 158 -12.50 1.62 -1.41
N SER B 159 -11.68 0.73 -2.01
CA SER B 159 -10.40 0.34 -1.41
C SER B 159 -9.36 0.06 -2.54
N ALA B 160 -8.07 0.23 -2.24
CA ALA B 160 -6.95 0.01 -3.18
C ALA B 160 -5.71 -0.37 -2.36
N PHE B 161 -4.91 -1.31 -2.88
CA PHE B 161 -3.75 -1.87 -2.13
C PHE B 161 -2.92 -2.90 -2.89
N LYS B 162 -1.74 -3.25 -2.36
CA LYS B 162 -0.87 -4.30 -2.89
C LYS B 162 -0.72 -5.53 -1.97
N ILE B 163 -0.48 -6.67 -2.61
CA ILE B 163 -0.23 -7.96 -1.91
C ILE B 163 1.07 -8.51 -2.51
N CYS B 164 2.01 -8.97 -1.67
CA CYS B 164 3.28 -9.66 -2.10
C CYS B 164 3.25 -11.21 -1.99
N HIS B 165 3.76 -11.91 -3.01
CA HIS B 165 3.87 -13.37 -3.02
C HIS B 165 5.35 -13.77 -3.29
N GLU B 166 5.95 -14.55 -2.41
CA GLU B 166 7.36 -14.94 -2.55
C GLU B 166 7.65 -16.04 -3.61
N ILE B 167 8.60 -15.82 -4.53
CA ILE B 167 8.92 -16.81 -5.62
C ILE B 167 9.80 -17.97 -5.11
N THR B 168 9.32 -19.19 -5.33
CA THR B 168 10.01 -20.39 -4.92
C THR B 168 11.33 -20.44 -5.62
N GLY B 169 12.40 -20.70 -4.90
CA GLY B 169 13.67 -20.87 -5.57
C GLY B 169 14.45 -19.61 -5.88
N SER B 170 13.81 -18.46 -5.79
CA SER B 170 14.50 -17.24 -5.47
C SER B 170 14.46 -17.37 -3.99
N LYS B 171 15.13 -16.53 -3.26
CA LYS B 171 14.74 -16.35 -1.87
C LYS B 171 14.89 -14.89 -1.53
N GLY B 172 13.79 -14.33 -1.08
CA GLY B 172 13.73 -12.92 -0.84
C GLY B 172 13.17 -12.13 -1.99
N ASP B 173 12.92 -12.75 -3.12
CA ASP B 173 12.24 -11.96 -4.16
C ASP B 173 10.72 -12.21 -4.28
N PHE B 174 9.97 -11.13 -4.57
CA PHE B 174 8.50 -11.08 -4.59
C PHE B 174 7.90 -10.69 -5.98
N ILE B 175 6.74 -11.27 -6.32
CA ILE B 175 5.85 -10.67 -7.32
C ILE B 175 4.73 -9.85 -6.60
N VAL B 176 4.22 -8.80 -7.23
CA VAL B 176 3.07 -8.00 -6.69
C VAL B 176 1.76 -8.28 -7.41
N ALA B 177 0.71 -8.53 -6.60
CA ALA B 177 -0.67 -8.59 -7.07
C ALA B 177 -1.42 -7.28 -6.74
N ASP B 178 -1.63 -6.41 -7.72
CA ASP B 178 -2.33 -5.13 -7.53
C ASP B 178 -3.89 -5.27 -7.36
N HIS B 179 -4.47 -4.82 -6.21
CA HIS B 179 -5.92 -5.02 -5.94
C HIS B 179 -6.70 -3.69 -6.03
N THR B 180 -7.78 -3.64 -6.78
CA THR B 180 -8.79 -2.55 -6.62
C THR B 180 -10.19 -3.14 -6.21
N GLN B 181 -10.98 -2.38 -5.43
CA GLN B 181 -12.17 -2.95 -4.74
C GLN B 181 -13.33 -1.91 -4.59
N MET B 182 -14.58 -2.38 -4.69
CA MET B 182 -15.81 -1.58 -4.46
C MET B 182 -16.91 -2.42 -3.75
N ASN B 183 -17.51 -1.87 -2.67
CA ASN B 183 -18.60 -2.54 -1.88
C ASN B 183 -19.91 -1.71 -1.88
N THR B 184 -21.05 -2.41 -2.03
CA THR B 184 -22.44 -1.82 -2.23
C THR B 184 -23.49 -2.52 -1.33
N PRO B 185 -24.29 -1.74 -0.57
CA PRO B 185 -25.23 -2.45 0.35
C PRO B 185 -26.28 -3.27 -0.44
N ILE B 186 -26.65 -4.44 0.05
CA ILE B 186 -27.72 -5.24 -0.56
C ILE B 186 -29.12 -4.68 -0.17
N GLY B 187 -29.36 -4.41 1.12
CA GLY B 187 -30.66 -3.92 1.62
C GLY B 187 -30.93 -2.43 1.42
N GLY B 188 -32.03 -1.96 2.01
CA GLY B 188 -32.42 -0.55 1.90
C GLY B 188 -32.18 0.33 3.12
N GLY B 189 -31.83 -0.27 4.27
CA GLY B 189 -31.68 0.51 5.53
C GLY B 189 -30.66 1.64 5.53
N PRO B 190 -30.63 2.48 6.59
CA PRO B 190 -29.56 3.49 6.59
C PRO B 190 -28.17 2.87 6.94
N VAL B 191 -27.08 3.38 6.36
CA VAL B 191 -25.68 2.88 6.66
C VAL B 191 -24.62 3.98 6.99
N HIS B 192 -23.52 3.56 7.62
CA HIS B 192 -22.33 4.43 7.86
C HIS B 192 -21.33 4.45 6.69
N VAL B 193 -21.39 5.48 5.85
CA VAL B 193 -20.36 5.74 4.82
C VAL B 193 -18.99 6.10 5.48
N PRO B 194 -17.90 5.35 5.08
CA PRO B 194 -16.58 5.56 5.68
C PRO B 194 -15.80 6.83 5.27
N GLU B 195 -14.84 7.16 6.11
CA GLU B 195 -13.86 8.21 5.89
C GLU B 195 -12.44 7.57 5.70
N TYR B 196 -11.50 8.29 5.09
CA TYR B 196 -10.12 7.78 4.85
C TYR B 196 -9.45 7.18 6.08
N HIS B 197 -9.12 5.88 6.03
CA HIS B 197 -8.35 5.27 7.06
C HIS B 197 -7.56 4.05 6.52
N HIS B 198 -6.81 3.32 7.35
CA HIS B 198 -6.06 2.10 6.89
C HIS B 198 -6.50 0.85 7.68
N MET B 199 -6.05 -0.32 7.25
CA MET B 199 -6.40 -1.58 7.91
C MET B 199 -5.21 -2.52 7.83
N SER B 200 -4.78 -3.04 8.99
CA SER B 200 -3.65 -3.95 9.04
C SER B 200 -4.07 -5.43 8.99
N TYR B 201 -3.25 -6.28 8.33
CA TYR B 201 -3.44 -7.74 8.23
C TYR B 201 -2.18 -8.57 8.58
N HIS B 202 -2.36 -9.65 9.34
CA HIS B 202 -1.31 -10.62 9.63
C HIS B 202 -1.84 -12.04 9.51
N VAL B 203 -1.37 -12.79 8.50
CA VAL B 203 -1.96 -14.11 8.14
C VAL B 203 -0.93 -15.20 8.24
N LYS B 204 -1.32 -16.36 8.75
CA LYS B 204 -0.45 -17.56 8.87
C LYS B 204 -1.14 -18.82 8.27
N LEU B 205 -0.55 -19.42 7.21
CA LEU B 205 -1.04 -20.65 6.54
C LEU B 205 -0.56 -21.95 7.16
N SER B 206 -1.41 -22.98 7.15
CA SER B 206 -1.08 -24.38 7.55
C SER B 206 -1.73 -25.44 6.67
N LYS B 207 -1.32 -26.70 6.84
CA LYS B 207 -1.98 -27.86 6.23
C LYS B 207 -2.47 -28.88 7.30
N ASP B 208 -3.40 -29.75 6.89
CA ASP B 208 -3.85 -30.93 7.69
C ASP B 208 -3.32 -32.12 6.92
N VAL B 209 -2.12 -32.55 7.30
CA VAL B 209 -1.37 -33.55 6.54
C VAL B 209 -1.90 -35.02 6.65
N THR B 210 -2.76 -35.28 7.64
CA THR B 210 -3.56 -36.54 7.69
C THR B 210 -4.56 -36.66 6.52
N ASP B 211 -5.00 -35.53 5.95
CA ASP B 211 -6.06 -35.53 4.94
C ASP B 211 -5.51 -35.64 3.50
N HIS B 212 -6.08 -36.57 2.74
CA HIS B 212 -5.64 -36.85 1.36
C HIS B 212 -6.09 -35.80 0.30
N ARG B 213 -7.18 -35.04 0.53
CA ARG B 213 -7.59 -34.01 -0.45
C ARG B 213 -6.65 -32.80 -0.45
N ASP B 214 -6.58 -32.08 -1.58
CA ASP B 214 -5.86 -30.81 -1.62
C ASP B 214 -6.47 -29.86 -0.60
N ASN B 215 -5.67 -29.33 0.35
CA ASN B 215 -6.21 -28.55 1.50
C ASN B 215 -5.33 -27.40 2.09
N MET B 216 -5.98 -26.47 2.77
CA MET B 216 -5.31 -25.30 3.41
C MET B 216 -6.08 -24.69 4.60
N SER B 217 -5.36 -24.45 5.71
CA SER B 217 -5.87 -23.69 6.88
C SER B 217 -5.20 -22.33 7.13
N LEU B 218 -5.90 -21.42 7.79
CA LEU B 218 -5.29 -20.14 8.20
C LEU B 218 -5.73 -19.55 9.56
N LYS B 219 -4.89 -18.70 10.15
CA LYS B 219 -5.28 -17.81 11.24
C LYS B 219 -4.87 -16.37 10.96
N GLU B 220 -5.75 -15.44 11.30
CA GLU B 220 -5.51 -14.03 10.99
C GLU B 220 -5.93 -13.01 12.07
N THR B 221 -5.10 -11.96 12.21
CA THR B 221 -5.47 -10.75 12.97
C THR B 221 -5.66 -9.56 12.06
N VAL B 222 -6.81 -8.88 12.23
CA VAL B 222 -7.25 -7.75 11.41
C VAL B 222 -7.75 -6.56 12.24
N ARG B 223 -7.21 -5.35 12.03
CA ARG B 223 -7.63 -4.12 12.77
C ARG B 223 -7.63 -2.86 11.95
N ALA B 224 -8.65 -2.02 12.15
CA ALA B 224 -8.67 -0.72 11.52
C ALA B 224 -7.69 0.26 12.22
N VAL B 225 -7.21 1.25 11.46
CA VAL B 225 -6.17 2.17 11.95
C VAL B 225 -6.52 3.60 11.61
N ASP B 226 -6.59 4.43 12.66
CA ASP B 226 -6.82 5.87 12.46
C ASP B 226 -5.50 6.59 12.21
N CYS B 227 -5.12 6.66 10.92
CA CYS B 227 -3.76 7.00 10.58
C CYS B 227 -3.52 8.48 10.72
N ARG B 228 -4.53 9.31 10.48
CA ARG B 228 -4.35 10.76 10.66
C ARG B 228 -3.90 11.16 12.08
N LYS B 229 -4.06 10.27 13.05
CA LYS B 229 -3.56 10.56 14.39
C LYS B 229 -2.40 9.66 14.79
N THR B 230 -2.46 8.40 14.37
CA THR B 230 -1.48 7.41 14.78
C THR B 230 -0.08 7.58 14.12
N TYR B 231 -0.06 8.06 12.87
CA TYR B 231 1.23 8.28 12.12
C TYR B 231 2.03 9.51 12.50
N ASP B 232 1.45 10.40 13.32
CA ASP B 232 2.09 11.69 13.78
C ASP B 232 3.39 11.53 14.53
#